data_6AAR
#
_entry.id   6AAR
#
_cell.length_a   46.723
_cell.length_b   62.892
_cell.length_c   88.646
_cell.angle_alpha   90.00
_cell.angle_beta   90.00
_cell.angle_gamma   90.00
#
_symmetry.space_group_name_H-M   'P 21 21 21'
#
loop_
_entity.id
_entity.type
_entity.pdbx_description
1 polymer 'Death-associated protein kinase 1'
2 non-polymer Purpurin
3 water water
#
_entity_poly.entity_id   1
_entity_poly.type   'polypeptide(L)'
_entity_poly.pdbx_seq_one_letter_code
;MTVFRQENVDDYYDTGEELGSGQFAVVKKCREKSTGLQYAAKFIKKRRTKSSRRGVSREDIEREVSILKEIQHPNVITLH
EVYENKTDVILILELVAGGELFDFLAEKESLTEEEATEFLKQILNGVYYLHSLQIAHFDLKPENIMLLDRNVPKPRIKII
DFGLAHKIDFGNEFKNIFGTPEFVAPEIVNYEPLGLEADMWSIGVITYILLSGASPFLGDTKQETLANVSAVNYEFEDEY
FSNTSALAKDFIRRLLVKDPKKRMTIQDSLQHPWIKPKDTQQALSLEHHHHHH
;
_entity_poly.pdbx_strand_id   A
#
# COMPACT_ATOMS: atom_id res chain seq x y z
N THR A 2 -19.42 14.06 1.62
CA THR A 2 -18.86 15.38 1.90
C THR A 2 -18.49 16.05 0.58
N VAL A 3 -18.59 17.36 0.54
CA VAL A 3 -18.23 18.11 -0.65
C VAL A 3 -16.87 18.73 -0.43
N PHE A 4 -16.12 18.92 -1.51
CA PHE A 4 -14.77 19.43 -1.46
C PHE A 4 -14.69 20.76 -2.20
N ARG A 5 -13.51 21.38 -2.18
CA ARG A 5 -13.32 22.70 -2.76
C ARG A 5 -13.59 22.67 -4.25
N GLN A 6 -14.53 23.50 -4.71
CA GLN A 6 -14.89 23.51 -6.13
C GLN A 6 -14.30 24.67 -6.95
N GLU A 7 -13.46 25.51 -6.36
CA GLU A 7 -12.68 26.43 -7.18
C GLU A 7 -11.74 25.65 -8.09
N ASN A 8 -11.33 26.30 -9.17
CA ASN A 8 -10.45 25.63 -10.12
C ASN A 8 -9.09 25.40 -9.47
N VAL A 9 -8.64 24.14 -9.46
CA VAL A 9 -7.35 23.82 -8.86
C VAL A 9 -6.24 24.58 -9.57
N ASP A 10 -6.41 24.86 -10.86
CA ASP A 10 -5.42 25.61 -11.61
C ASP A 10 -5.26 27.04 -11.12
N ASP A 11 -6.23 27.56 -10.38
CA ASP A 11 -6.08 28.91 -9.82
C ASP A 11 -5.11 28.93 -8.65
N TYR A 12 -4.99 27.81 -7.93
CA TYR A 12 -4.11 27.74 -6.76
C TYR A 12 -2.85 26.92 -6.95
N TYR A 13 -2.73 26.17 -8.05
CA TYR A 13 -1.62 25.25 -8.25
C TYR A 13 -1.23 25.24 -9.72
N ASP A 14 0.05 25.02 -9.97
CA ASP A 14 0.58 24.75 -11.31
C ASP A 14 1.09 23.31 -11.30
N THR A 15 0.69 22.54 -12.30
CA THR A 15 1.03 21.11 -12.38
C THR A 15 2.23 20.89 -13.28
N GLY A 16 3.08 19.95 -12.89
CA GLY A 16 4.29 19.53 -13.59
C GLY A 16 4.25 18.19 -14.30
N GLU A 17 5.39 17.49 -14.23
CA GLU A 17 5.51 16.16 -14.83
C GLU A 17 4.54 15.18 -14.18
N GLU A 18 4.08 14.23 -14.98
CA GLU A 18 3.27 13.13 -14.48
C GLU A 18 4.16 12.19 -13.66
N LEU A 19 3.72 11.89 -12.44
CA LEU A 19 4.45 10.97 -11.57
C LEU A 19 4.09 9.51 -11.80
N GLY A 20 2.80 9.23 -11.97
CA GLY A 20 2.38 7.84 -12.04
C GLY A 20 0.88 7.77 -12.20
N SER A 21 0.37 6.54 -12.12
CA SER A 21 -1.03 6.30 -12.41
C SER A 21 -1.56 5.20 -11.50
N GLY A 22 -2.86 4.96 -11.64
CA GLY A 22 -3.59 3.91 -10.97
C GLY A 22 -4.74 3.62 -11.90
N GLN A 23 -5.68 2.77 -11.51
CA GLN A 23 -6.89 2.67 -12.30
C GLN A 23 -7.79 3.85 -11.96
N PHE A 24 -8.18 4.60 -12.99
CA PHE A 24 -9.02 5.77 -12.85
C PHE A 24 -8.35 6.91 -12.08
N ALA A 25 -7.02 6.96 -12.07
CA ALA A 25 -6.32 8.04 -11.39
C ALA A 25 -5.02 8.34 -12.12
N VAL A 26 -4.66 9.63 -12.16
CA VAL A 26 -3.37 10.06 -12.66
C VAL A 26 -2.77 11.02 -11.63
N VAL A 27 -1.47 10.85 -11.38
CA VAL A 27 -0.76 11.62 -10.36
C VAL A 27 0.24 12.51 -11.06
N LYS A 28 0.16 13.81 -10.78
CA LYS A 28 1.02 14.81 -11.40
C LYS A 28 1.74 15.64 -10.33
N LYS A 29 3.00 15.95 -10.59
CA LYS A 29 3.70 16.89 -9.74
C LYS A 29 3.00 18.23 -9.81
N CYS A 30 2.99 18.96 -8.71
CA CYS A 30 2.37 20.28 -8.69
C CYS A 30 3.05 21.17 -7.65
N ARG A 31 2.75 22.46 -7.74
CA ARG A 31 3.33 23.47 -6.88
C ARG A 31 2.24 24.46 -6.48
N GLU A 32 2.07 24.68 -5.18
CA GLU A 32 1.07 25.63 -4.70
C GLU A 32 1.56 27.05 -4.93
N LYS A 33 0.70 27.88 -5.55
CA LYS A 33 1.11 29.24 -5.90
C LYS A 33 1.38 30.10 -4.66
N SER A 34 0.63 29.89 -3.58
CA SER A 34 0.78 30.79 -2.44
C SER A 34 2.00 30.48 -1.57
N THR A 35 2.39 29.20 -1.42
CA THR A 35 3.55 28.81 -0.63
C THR A 35 4.80 28.46 -1.44
N GLY A 36 4.68 28.25 -2.76
CA GLY A 36 5.75 27.62 -3.51
C GLY A 36 6.05 26.18 -3.15
N LEU A 37 5.28 25.56 -2.26
CA LEU A 37 5.57 24.19 -1.84
C LEU A 37 5.07 23.18 -2.88
N GLN A 38 5.72 22.02 -2.92
CA GLN A 38 5.49 21.05 -3.98
C GLN A 38 4.71 19.85 -3.43
N TYR A 39 3.78 19.36 -4.26
CA TYR A 39 2.85 18.32 -3.86
C TYR A 39 2.70 17.35 -5.01
N ALA A 40 1.92 16.30 -4.78
CA ALA A 40 1.47 15.40 -5.85
C ALA A 40 -0.04 15.54 -5.96
N ALA A 41 -0.54 15.81 -7.16
CA ALA A 41 -1.96 15.99 -7.41
C ALA A 41 -2.49 14.71 -8.04
N LYS A 42 -3.30 13.98 -7.30
CA LYS A 42 -3.92 12.74 -7.75
C LYS A 42 -5.31 13.06 -8.26
N PHE A 43 -5.53 12.89 -9.57
CA PHE A 43 -6.81 13.16 -10.20
C PHE A 43 -7.55 11.84 -10.32
N ILE A 44 -8.66 11.71 -9.58
CA ILE A 44 -9.45 10.46 -9.57
C ILE A 44 -10.71 10.69 -10.39
N LYS A 45 -10.95 9.82 -11.37
CA LYS A 45 -12.08 10.02 -12.27
C LYS A 45 -13.38 9.58 -11.62
N LYS A 46 -14.35 10.50 -11.58
CA LYS A 46 -15.65 10.24 -10.97
C LYS A 46 -16.52 9.37 -11.88
N ARG A 47 -17.35 8.55 -11.26
CA ARG A 47 -18.40 7.86 -12.00
C ARG A 47 -19.33 8.88 -12.65
N ARG A 48 -19.64 8.66 -13.94
CA ARG A 48 -20.57 9.53 -14.67
C ARG A 48 -22.03 9.16 -14.42
N THR A 49 -22.32 7.89 -14.10
CA THR A 49 -23.68 7.45 -13.79
C THR A 49 -23.62 6.48 -12.63
N LYS A 50 -24.80 6.18 -12.07
CA LYS A 50 -24.84 5.34 -10.87
C LYS A 50 -24.40 3.91 -11.17
N SER A 51 -24.70 3.40 -12.36
CA SER A 51 -24.41 2.01 -12.72
C SER A 51 -23.12 1.83 -13.50
N SER A 52 -22.33 2.89 -13.69
CA SER A 52 -21.18 2.80 -14.58
C SER A 52 -20.08 1.96 -13.97
N ARG A 53 -19.39 1.19 -14.82
CA ARG A 53 -18.20 0.47 -14.42
C ARG A 53 -16.95 1.35 -14.45
N ARG A 54 -16.95 2.39 -15.28
CA ARG A 54 -15.82 3.31 -15.36
C ARG A 54 -15.89 4.35 -14.25
N GLY A 55 -14.73 4.81 -13.80
CA GLY A 55 -14.65 5.79 -12.74
C GLY A 55 -14.83 5.17 -11.36
N VAL A 56 -14.62 6.00 -10.35
CA VAL A 56 -14.69 5.57 -8.96
C VAL A 56 -15.94 6.16 -8.32
N SER A 57 -16.73 5.29 -7.66
CA SER A 57 -17.95 5.75 -7.01
C SER A 57 -17.61 6.77 -5.94
N ARG A 58 -18.56 7.67 -5.67
CA ARG A 58 -18.25 8.68 -4.67
C ARG A 58 -18.06 8.08 -3.29
N GLU A 59 -18.76 6.98 -3.00
CA GLU A 59 -18.56 6.29 -1.73
C GLU A 59 -17.11 5.86 -1.59
N ASP A 60 -16.53 5.27 -2.64
CA ASP A 60 -15.13 4.84 -2.58
C ASP A 60 -14.18 6.04 -2.50
N ILE A 61 -14.47 7.12 -3.23
CA ILE A 61 -13.60 8.29 -3.14
C ILE A 61 -13.62 8.86 -1.73
N GLU A 62 -14.82 8.97 -1.14
CA GLU A 62 -14.94 9.58 0.18
C GLU A 62 -14.26 8.73 1.24
N ARG A 63 -14.33 7.40 1.13
CA ARG A 63 -13.63 6.55 2.08
C ARG A 63 -12.12 6.82 2.03
N GLU A 64 -11.52 6.83 0.82
CA GLU A 64 -10.10 7.10 0.71
C GLU A 64 -9.74 8.46 1.33
N VAL A 65 -10.55 9.48 1.05
CA VAL A 65 -10.30 10.81 1.64
C VAL A 65 -10.43 10.75 3.16
N SER A 66 -11.48 10.11 3.66
CA SER A 66 -11.68 10.08 5.12
C SER A 66 -10.52 9.40 5.81
N ILE A 67 -10.00 8.32 5.23
CA ILE A 67 -8.86 7.63 5.84
C ILE A 67 -7.63 8.53 5.80
N LEU A 68 -7.32 9.10 4.62
CA LEU A 68 -6.18 9.99 4.51
C LEU A 68 -6.22 11.10 5.55
N LYS A 69 -7.41 11.65 5.82
CA LYS A 69 -7.49 12.76 6.77
C LYS A 69 -7.08 12.35 8.18
N GLU A 70 -7.24 11.08 8.54
CA GLU A 70 -6.86 10.64 9.87
C GLU A 70 -5.35 10.49 10.04
N ILE A 71 -4.60 10.37 8.95
CA ILE A 71 -3.23 9.86 9.00
C ILE A 71 -2.25 11.02 9.15
N GLN A 72 -1.44 10.98 10.21
CA GLN A 72 -0.20 11.77 10.23
C GLN A 72 0.88 10.89 10.84
N HIS A 73 1.79 10.39 10.00
CA HIS A 73 2.89 9.57 10.46
C HIS A 73 4.01 9.72 9.45
N PRO A 74 5.27 9.66 9.90
CA PRO A 74 6.38 9.82 8.94
C PRO A 74 6.43 8.77 7.83
N ASN A 75 5.92 7.57 8.06
CA ASN A 75 5.99 6.49 7.08
C ASN A 75 4.74 6.35 6.22
N VAL A 76 3.81 7.30 6.31
CA VAL A 76 2.59 7.26 5.52
C VAL A 76 2.40 8.61 4.84
N ILE A 77 1.98 8.58 3.57
CA ILE A 77 1.68 9.81 2.85
C ILE A 77 0.59 10.59 3.58
N THR A 78 0.69 11.92 3.53
CA THR A 78 -0.27 12.80 4.19
C THR A 78 -1.01 13.64 3.16
N LEU A 79 -2.25 14.00 3.49
CA LEU A 79 -3.14 14.71 2.58
C LEU A 79 -3.11 16.20 2.90
N HIS A 80 -3.01 17.02 1.86
CA HIS A 80 -2.93 18.47 2.02
C HIS A 80 -4.30 19.12 1.83
N GLU A 81 -4.92 18.89 0.66
CA GLU A 81 -6.18 19.51 0.31
C GLU A 81 -6.93 18.58 -0.63
N VAL A 82 -8.23 18.85 -0.80
CA VAL A 82 -9.04 18.13 -1.77
C VAL A 82 -9.86 19.13 -2.58
N TYR A 83 -9.80 19.00 -3.90
CA TYR A 83 -10.62 19.78 -4.82
C TYR A 83 -11.49 18.81 -5.61
N GLU A 84 -12.54 19.35 -6.24
CA GLU A 84 -13.33 18.54 -7.16
C GLU A 84 -13.97 19.41 -8.22
N ASN A 85 -14.26 18.78 -9.35
CA ASN A 85 -15.08 19.36 -10.41
C ASN A 85 -15.99 18.25 -10.91
N LYS A 86 -16.68 18.50 -12.02
CA LYS A 86 -17.62 17.48 -12.51
C LYS A 86 -16.91 16.16 -12.81
N THR A 87 -15.70 16.22 -13.37
CA THR A 87 -14.99 15.05 -13.85
C THR A 87 -14.16 14.31 -12.80
N ASP A 88 -13.54 15.03 -11.87
CA ASP A 88 -12.49 14.48 -11.02
C ASP A 88 -12.66 14.97 -9.59
N VAL A 89 -12.15 14.15 -8.66
CA VAL A 89 -11.74 14.60 -7.35
C VAL A 89 -10.23 14.68 -7.36
N ILE A 90 -9.67 15.78 -6.88
CA ILE A 90 -8.23 16.01 -6.94
C ILE A 90 -7.71 16.04 -5.50
N LEU A 91 -6.95 15.02 -5.13
CA LEU A 91 -6.27 15.00 -3.83
C LEU A 91 -4.93 15.70 -3.98
N ILE A 92 -4.69 16.71 -3.15
CA ILE A 92 -3.37 17.34 -3.10
C ILE A 92 -2.60 16.64 -1.99
N LEU A 93 -1.58 15.86 -2.38
CA LEU A 93 -0.90 14.94 -1.48
C LEU A 93 0.56 15.35 -1.29
N GLU A 94 1.11 14.96 -0.15
CA GLU A 94 2.54 15.11 0.08
C GLU A 94 3.31 14.49 -1.09
N LEU A 95 4.33 15.21 -1.57
CA LEU A 95 5.14 14.72 -2.69
C LEU A 95 6.16 13.73 -2.16
N VAL A 96 6.15 12.51 -2.70
CA VAL A 96 7.15 11.51 -2.38
C VAL A 96 7.88 11.26 -3.68
N ALA A 97 9.10 11.81 -3.80
CA ALA A 97 9.80 11.95 -5.07
C ALA A 97 10.90 10.93 -5.33
N GLY A 98 11.20 10.05 -4.37
CA GLY A 98 12.36 9.19 -4.51
C GLY A 98 12.17 7.91 -5.30
N GLY A 99 10.97 7.63 -5.76
CA GLY A 99 10.71 6.43 -6.52
C GLY A 99 10.29 5.25 -5.65
N GLU A 100 9.92 4.17 -6.34
CA GLU A 100 9.53 2.93 -5.66
C GLU A 100 10.75 2.26 -5.04
N LEU A 101 10.55 1.74 -3.82
CA LEU A 101 11.64 1.17 -3.04
C LEU A 101 12.43 0.12 -3.82
N PHE A 102 11.72 -0.75 -4.54
CA PHE A 102 12.41 -1.82 -5.25
C PHE A 102 13.21 -1.27 -6.43
N ASP A 103 12.83 -0.12 -6.96
CA ASP A 103 13.62 0.55 -8.00
C ASP A 103 14.86 1.14 -7.37
N LEU A 111 19.88 -7.40 -2.23
CA LEU A 111 19.95 -6.64 -0.98
C LEU A 111 20.46 -7.46 0.20
N THR A 112 21.36 -6.88 0.98
CA THR A 112 21.75 -7.48 2.25
C THR A 112 20.55 -7.51 3.19
N GLU A 113 20.61 -8.40 4.18
CA GLU A 113 19.52 -8.49 5.15
C GLU A 113 19.44 -7.23 6.00
N GLU A 114 20.59 -6.65 6.36
CA GLU A 114 20.56 -5.40 7.12
C GLU A 114 19.85 -4.31 6.34
N GLU A 115 20.13 -4.22 5.04
CA GLU A 115 19.50 -3.17 4.24
C GLU A 115 18.01 -3.45 4.04
N ALA A 116 17.65 -4.73 3.86
CA ALA A 116 16.23 -5.07 3.75
C ALA A 116 15.48 -4.75 5.04
N THR A 117 16.02 -5.18 6.18
CA THR A 117 15.32 -4.94 7.45
C THR A 117 15.23 -3.46 7.76
N GLU A 118 16.22 -2.68 7.33
CA GLU A 118 16.16 -1.23 7.49
C GLU A 118 14.89 -0.66 6.85
N PHE A 119 14.62 -1.04 5.60
CA PHE A 119 13.41 -0.56 4.95
C PHE A 119 12.19 -1.27 5.51
N LEU A 120 12.30 -2.57 5.78
CA LEU A 120 11.16 -3.31 6.30
C LEU A 120 10.70 -2.75 7.64
N LYS A 121 11.64 -2.37 8.52
CA LYS A 121 11.25 -1.81 9.80
C LYS A 121 10.39 -0.57 9.64
N GLN A 122 10.72 0.27 8.65
CA GLN A 122 9.90 1.46 8.41
C GLN A 122 8.52 1.09 7.90
N ILE A 123 8.44 0.11 6.99
CA ILE A 123 7.14 -0.38 6.56
C ILE A 123 6.34 -0.85 7.77
N LEU A 124 6.97 -1.64 8.65
CA LEU A 124 6.25 -2.15 9.81
C LEU A 124 5.79 -1.03 10.73
N ASN A 125 6.63 0.00 10.92
CA ASN A 125 6.22 1.14 11.74
C ASN A 125 5.01 1.83 11.13
N GLY A 126 5.00 2.00 9.82
CA GLY A 126 3.87 2.63 9.16
C GLY A 126 2.61 1.79 9.28
N VAL A 127 2.73 0.47 9.06
CA VAL A 127 1.57 -0.41 9.17
C VAL A 127 1.10 -0.50 10.61
N TYR A 128 2.04 -0.49 11.56
CA TYR A 128 1.67 -0.48 12.97
C TYR A 128 0.82 0.73 13.30
N TYR A 129 1.20 1.90 12.75
CA TYR A 129 0.38 3.10 12.91
C TYR A 129 -1.03 2.85 12.39
N LEU A 130 -1.14 2.38 11.14
CA LEU A 130 -2.44 2.21 10.50
C LEU A 130 -3.31 1.22 11.27
N HIS A 131 -2.72 0.07 11.62
CA HIS A 131 -3.48 -0.96 12.32
C HIS A 131 -3.88 -0.51 13.70
N SER A 132 -3.03 0.30 14.36
CA SER A 132 -3.43 0.90 15.63
C SER A 132 -4.69 1.72 15.48
N LEU A 133 -4.90 2.31 14.31
CA LEU A 133 -6.13 3.05 14.01
C LEU A 133 -7.20 2.17 13.40
N GLN A 134 -6.98 0.85 13.35
CA GLN A 134 -7.93 -0.10 12.75
C GLN A 134 -8.11 0.13 11.25
N ILE A 135 -7.09 0.69 10.60
CA ILE A 135 -7.08 0.89 9.16
C ILE A 135 -6.31 -0.26 8.52
N ALA A 136 -7.00 -1.01 7.66
CA ALA A 136 -6.36 -1.99 6.78
C ALA A 136 -6.10 -1.31 5.45
N HIS A 137 -4.86 -1.43 4.96
CA HIS A 137 -4.48 -0.80 3.69
C HIS A 137 -5.06 -1.58 2.51
N PHE A 138 -4.90 -2.91 2.54
CA PHE A 138 -5.44 -3.85 1.57
C PHE A 138 -4.77 -3.80 0.19
N ASP A 139 -3.96 -2.78 -0.06
CA ASP A 139 -3.21 -2.65 -1.31
C ASP A 139 -1.69 -2.75 -1.17
N LEU A 140 -1.17 -3.31 -0.08
CA LEU A 140 0.27 -3.25 0.13
C LEU A 140 1.01 -4.12 -0.87
N LYS A 141 1.99 -3.51 -1.54
CA LYS A 141 2.79 -4.13 -2.58
C LYS A 141 3.93 -3.17 -2.90
N PRO A 142 5.01 -3.65 -3.53
CA PRO A 142 6.19 -2.80 -3.68
C PRO A 142 5.93 -1.47 -4.37
N GLU A 143 5.06 -1.45 -5.40
CA GLU A 143 4.83 -0.18 -6.06
C GLU A 143 4.11 0.84 -5.18
N ASN A 144 3.52 0.41 -4.05
CA ASN A 144 2.93 1.31 -3.08
C ASN A 144 3.86 1.66 -1.92
N ILE A 145 5.13 1.29 -2.00
CA ILE A 145 6.14 1.65 -1.01
C ILE A 145 7.12 2.59 -1.70
N MET A 146 7.08 3.87 -1.34
CA MET A 146 7.87 4.89 -2.02
C MET A 146 8.94 5.42 -1.09
N LEU A 147 9.97 6.00 -1.69
CA LEU A 147 11.05 6.66 -0.96
C LEU A 147 10.82 8.16 -1.02
N LEU A 148 10.90 8.82 0.14
CA LEU A 148 10.73 10.27 0.19
C LEU A 148 11.79 10.95 -0.66
N ASP A 149 13.05 10.69 -0.34
CA ASP A 149 14.19 11.20 -1.09
C ASP A 149 15.21 10.07 -1.11
N ARG A 150 15.63 9.64 -2.29
CA ARG A 150 16.59 8.55 -2.35
C ARG A 150 18.04 9.03 -2.28
N ASN A 151 18.27 10.34 -2.13
CA ASN A 151 19.62 10.88 -2.02
C ASN A 151 20.07 11.14 -0.59
N VAL A 152 19.25 10.84 0.40
CA VAL A 152 19.57 11.10 1.81
C VAL A 152 20.37 9.92 2.35
N PRO A 153 21.25 10.12 3.34
CA PRO A 153 21.91 8.96 3.98
C PRO A 153 20.96 7.84 4.42
N LYS A 154 19.80 8.18 4.99
CA LYS A 154 18.85 7.18 5.49
C LYS A 154 17.49 7.43 4.84
N PRO A 155 17.21 6.81 3.69
CA PRO A 155 15.97 7.11 2.96
C PRO A 155 14.74 6.67 3.73
N ARG A 156 13.74 7.55 3.78
CA ARG A 156 12.48 7.27 4.46
C ARG A 156 11.49 6.67 3.47
N ILE A 157 10.86 5.60 3.86
CA ILE A 157 9.77 5.06 3.06
C ILE A 157 8.47 5.74 3.47
N LYS A 158 7.58 5.89 2.50
CA LYS A 158 6.21 6.30 2.73
C LYS A 158 5.29 5.32 2.02
N ILE A 159 4.30 4.81 2.76
CA ILE A 159 3.25 3.99 2.18
C ILE A 159 2.27 4.90 1.45
N ILE A 160 1.91 4.53 0.22
CA ILE A 160 0.98 5.36 -0.54
C ILE A 160 -0.27 4.58 -0.94
N ASP A 161 -1.20 5.26 -1.62
CA ASP A 161 -2.35 4.64 -2.28
C ASP A 161 -3.35 3.93 -1.37
N PHE A 162 -4.19 4.73 -0.73
CA PHE A 162 -5.23 4.28 0.19
C PHE A 162 -6.56 3.93 -0.51
N GLY A 163 -6.53 3.77 -1.84
CA GLY A 163 -7.74 3.52 -2.61
C GLY A 163 -8.51 2.27 -2.23
N LEU A 164 -7.84 1.25 -1.68
CA LEU A 164 -8.55 0.08 -1.15
C LEU A 164 -8.73 0.09 0.36
N ALA A 165 -8.21 1.09 1.06
CA ALA A 165 -8.12 1.00 2.51
C ALA A 165 -9.50 1.11 3.15
N HIS A 166 -9.69 0.41 4.27
CA HIS A 166 -10.95 0.39 5.00
C HIS A 166 -10.67 0.45 6.51
N LYS A 167 -11.54 1.14 7.22
CA LYS A 167 -11.57 1.02 8.68
C LYS A 167 -12.16 -0.33 9.04
N ILE A 168 -11.53 -1.04 9.97
CA ILE A 168 -12.09 -2.30 10.44
C ILE A 168 -12.51 -2.03 11.88
N ASP A 169 -13.78 -1.69 12.09
CA ASP A 169 -14.24 -1.45 13.44
C ASP A 169 -14.87 -2.67 14.08
N PHE A 170 -15.20 -3.69 13.29
CA PHE A 170 -15.74 -4.95 13.76
C PHE A 170 -14.74 -6.10 13.78
N GLY A 171 -13.47 -5.83 13.47
CA GLY A 171 -12.49 -6.90 13.37
C GLY A 171 -12.48 -7.60 12.03
N ASN A 172 -13.54 -7.48 11.24
CA ASN A 172 -13.50 -7.91 9.84
C ASN A 172 -14.51 -7.10 9.03
N GLU A 173 -14.23 -6.99 7.73
CA GLU A 173 -15.12 -6.37 6.77
C GLU A 173 -15.46 -7.38 5.69
N PHE A 174 -16.73 -7.53 5.38
CA PHE A 174 -17.16 -8.42 4.30
C PHE A 174 -17.52 -7.53 3.13
N LYS A 175 -16.63 -7.48 2.15
CA LYS A 175 -16.80 -6.68 0.95
C LYS A 175 -15.94 -7.34 -0.10
N ASN A 176 -16.20 -7.02 -1.36
CA ASN A 176 -15.28 -7.44 -2.40
C ASN A 176 -14.25 -6.33 -2.46
N ILE A 177 -13.07 -6.63 -1.92
CA ILE A 177 -11.95 -5.72 -1.88
C ILE A 177 -10.83 -6.56 -2.43
N PHE A 178 -10.38 -6.25 -3.65
CA PHE A 178 -9.51 -7.16 -4.36
C PHE A 178 -8.40 -6.37 -5.05
N GLY A 179 -7.16 -6.60 -4.64
CA GLY A 179 -5.97 -5.98 -5.20
C GLY A 179 -5.27 -6.86 -6.22
N THR A 180 -3.95 -6.76 -6.25
CA THR A 180 -3.11 -7.46 -7.22
C THR A 180 -2.88 -8.91 -6.79
N PRO A 181 -3.21 -9.90 -7.63
CA PRO A 181 -3.08 -11.31 -7.22
C PRO A 181 -1.77 -11.71 -6.57
N GLU A 182 -0.62 -11.25 -7.06
CA GLU A 182 0.65 -11.64 -6.44
C GLU A 182 0.69 -11.33 -4.95
N PHE A 183 0.02 -10.25 -4.51
CA PHE A 183 0.15 -9.76 -3.14
C PHE A 183 -1.04 -9.97 -2.21
N VAL A 184 -2.15 -10.49 -2.68
CA VAL A 184 -3.34 -10.59 -1.85
C VAL A 184 -3.34 -11.89 -1.05
N ALA A 185 -3.89 -11.83 0.16
CA ALA A 185 -3.95 -12.98 1.06
C ALA A 185 -5.00 -13.98 0.58
N PRO A 186 -4.92 -15.23 1.04
CA PRO A 186 -5.93 -16.23 0.65
C PRO A 186 -7.38 -15.79 0.91
N GLU A 187 -7.64 -15.10 2.02
CA GLU A 187 -9.03 -14.71 2.31
C GLU A 187 -9.55 -13.72 1.26
N ILE A 188 -8.68 -12.90 0.67
CA ILE A 188 -9.12 -12.07 -0.45
C ILE A 188 -9.44 -12.93 -1.66
N VAL A 189 -8.54 -13.87 -2.00
CA VAL A 189 -8.78 -14.74 -3.15
C VAL A 189 -10.08 -15.52 -2.99
N ASN A 190 -10.38 -15.93 -1.76
CA ASN A 190 -11.55 -16.75 -1.50
C ASN A 190 -12.80 -15.94 -1.17
N TYR A 191 -12.73 -14.61 -1.24
CA TYR A 191 -13.89 -13.75 -1.00
C TYR A 191 -14.46 -13.96 0.40
N GLU A 192 -13.58 -14.07 1.37
CA GLU A 192 -13.97 -14.29 2.75
C GLU A 192 -13.89 -12.98 3.53
N PRO A 193 -14.34 -12.97 4.79
CA PRO A 193 -14.22 -11.75 5.59
C PRO A 193 -12.76 -11.38 5.77
N LEU A 194 -12.50 -10.07 5.79
CA LEU A 194 -11.13 -9.56 5.74
C LEU A 194 -10.87 -8.64 6.93
N GLY A 195 -9.60 -8.54 7.32
CA GLY A 195 -9.22 -7.74 8.46
C GLY A 195 -7.79 -7.28 8.31
N LEU A 196 -7.22 -6.71 9.37
CA LEU A 196 -5.83 -6.30 9.38
C LEU A 196 -4.88 -7.44 9.01
N GLU A 197 -5.31 -8.68 9.19
CA GLU A 197 -4.42 -9.82 8.95
C GLU A 197 -3.99 -9.91 7.49
N ALA A 198 -4.83 -9.44 6.56
CA ALA A 198 -4.48 -9.52 5.14
C ALA A 198 -3.25 -8.67 4.84
N ASP A 199 -3.12 -7.54 5.52
CA ASP A 199 -1.92 -6.70 5.35
C ASP A 199 -0.67 -7.47 5.78
N MET A 200 -0.78 -8.25 6.86
CA MET A 200 0.41 -8.96 7.33
C MET A 200 0.86 -10.02 6.34
N TRP A 201 -0.09 -10.68 5.67
CA TRP A 201 0.28 -11.58 4.57
C TRP A 201 1.02 -10.82 3.47
N SER A 202 0.47 -9.68 3.03
CA SER A 202 1.13 -8.93 1.97
C SER A 202 2.55 -8.55 2.37
N ILE A 203 2.74 -8.24 3.66
CA ILE A 203 4.08 -7.92 4.17
C ILE A 203 5.02 -9.11 4.00
N GLY A 204 4.51 -10.33 4.21
CA GLY A 204 5.34 -11.51 3.99
C GLY A 204 5.75 -11.66 2.54
N VAL A 205 4.83 -11.40 1.62
CA VAL A 205 5.16 -11.44 0.19
C VAL A 205 6.23 -10.39 -0.12
N ILE A 206 6.02 -9.15 0.31
CA ILE A 206 7.02 -8.11 0.12
C ILE A 206 8.38 -8.54 0.67
N THR A 207 8.39 -9.16 1.84
CA THR A 207 9.66 -9.54 2.47
C THR A 207 10.36 -10.62 1.65
N TYR A 208 9.62 -11.62 1.21
CA TYR A 208 10.16 -12.64 0.31
C TYR A 208 10.81 -12.01 -0.93
N ILE A 209 10.11 -11.08 -1.59
CA ILE A 209 10.67 -10.44 -2.77
C ILE A 209 11.85 -9.55 -2.41
N LEU A 210 11.77 -8.87 -1.27
CA LEU A 210 12.87 -8.00 -0.85
C LEU A 210 14.17 -8.79 -0.76
N LEU A 211 14.12 -10.00 -0.22
CA LEU A 211 15.35 -10.77 0.00
C LEU A 211 15.81 -11.50 -1.26
N SER A 212 14.89 -12.04 -2.05
CA SER A 212 15.25 -12.93 -3.16
C SER A 212 15.16 -12.31 -4.55
N GLY A 213 14.47 -11.19 -4.72
CA GLY A 213 14.10 -10.77 -6.06
C GLY A 213 13.11 -11.66 -6.78
N ALA A 214 12.55 -12.68 -6.12
CA ALA A 214 11.57 -13.57 -6.74
C ALA A 214 10.23 -13.46 -6.02
N SER A 215 9.14 -13.69 -6.78
CA SER A 215 7.79 -13.57 -6.23
C SER A 215 7.28 -14.93 -5.80
N PRO A 216 6.79 -15.09 -4.57
CA PRO A 216 6.56 -16.45 -4.06
C PRO A 216 5.42 -17.21 -4.72
N PHE A 217 4.33 -16.53 -5.06
CA PHE A 217 3.15 -17.16 -5.62
C PHE A 217 2.95 -16.95 -7.12
N LEU A 218 3.85 -16.24 -7.79
CA LEU A 218 3.55 -15.78 -9.16
C LEU A 218 3.50 -16.96 -10.12
N GLY A 219 2.37 -17.09 -10.82
CA GLY A 219 2.21 -18.07 -11.86
C GLY A 219 2.26 -17.45 -13.25
N ASP A 220 1.97 -18.27 -14.25
CA ASP A 220 1.99 -17.80 -15.64
C ASP A 220 0.77 -16.98 -16.00
N THR A 221 -0.32 -17.10 -15.26
CA THR A 221 -1.52 -16.33 -15.49
C THR A 221 -2.08 -15.88 -14.15
N LYS A 222 -3.04 -14.96 -14.20
CA LYS A 222 -3.62 -14.44 -12.97
C LYS A 222 -4.31 -15.53 -12.19
N GLN A 223 -5.05 -16.40 -12.89
CA GLN A 223 -5.76 -17.48 -12.19
C GLN A 223 -4.78 -18.44 -11.51
N GLU A 224 -3.65 -18.72 -12.16
CA GLU A 224 -2.62 -19.55 -11.53
C GLU A 224 -2.10 -18.89 -10.26
N THR A 225 -1.80 -17.59 -10.32
CA THR A 225 -1.31 -16.91 -9.12
C THR A 225 -2.32 -17.02 -7.99
N LEU A 226 -3.58 -16.68 -8.28
CA LEU A 226 -4.64 -16.78 -7.29
C LEU A 226 -4.74 -18.19 -6.73
N ALA A 227 -4.69 -19.21 -7.60
CA ALA A 227 -4.74 -20.58 -7.12
C ALA A 227 -3.56 -20.89 -6.21
N ASN A 228 -2.36 -20.41 -6.58
CA ASN A 228 -1.18 -20.62 -5.75
C ASN A 228 -1.34 -19.96 -4.38
N VAL A 229 -1.85 -18.73 -4.37
CA VAL A 229 -2.06 -18.02 -3.12
C VAL A 229 -3.00 -18.81 -2.21
N SER A 230 -4.14 -19.24 -2.75
CA SER A 230 -5.13 -19.90 -1.91
C SER A 230 -4.60 -21.19 -1.31
N ALA A 231 -3.74 -21.91 -2.04
CA ALA A 231 -3.15 -23.15 -1.58
C ALA A 231 -1.87 -22.93 -0.78
N VAL A 232 -1.42 -21.68 -0.64
CA VAL A 232 -0.14 -21.38 -0.01
C VAL A 232 0.96 -22.18 -0.70
N ASN A 233 1.02 -22.07 -2.03
CA ASN A 233 1.98 -22.85 -2.79
C ASN A 233 3.16 -21.93 -3.04
N TYR A 234 4.16 -22.04 -2.17
CA TYR A 234 5.42 -21.33 -2.30
C TYR A 234 6.48 -22.11 -1.53
N GLU A 235 7.73 -21.88 -1.89
CA GLU A 235 8.84 -22.44 -1.13
C GLU A 235 10.01 -21.49 -1.26
N PHE A 236 10.96 -21.61 -0.34
CA PHE A 236 12.19 -20.84 -0.44
C PHE A 236 13.12 -21.62 -1.34
N GLU A 237 13.39 -21.10 -2.52
CA GLU A 237 14.31 -21.77 -3.44
C GLU A 237 15.74 -21.58 -2.96
N ASP A 238 16.47 -22.69 -2.85
CA ASP A 238 17.86 -22.64 -2.41
C ASP A 238 18.67 -21.65 -3.23
N GLU A 239 18.47 -21.60 -4.55
CA GLU A 239 19.25 -20.70 -5.38
C GLU A 239 19.10 -19.25 -4.91
N TYR A 240 17.88 -18.86 -4.51
CA TYR A 240 17.61 -17.51 -4.05
C TYR A 240 17.95 -17.29 -2.59
N PHE A 241 17.67 -18.28 -1.74
CA PHE A 241 17.76 -18.12 -0.30
C PHE A 241 19.00 -18.74 0.36
N SER A 242 19.89 -19.37 -0.41
CA SER A 242 21.18 -19.72 0.18
C SER A 242 21.80 -18.44 0.73
N ASN A 243 22.44 -18.55 1.88
CA ASN A 243 23.02 -17.42 2.61
C ASN A 243 21.99 -16.46 3.23
N THR A 244 20.69 -16.64 2.99
CA THR A 244 19.69 -15.90 3.75
C THR A 244 19.48 -16.59 5.09
N SER A 245 19.40 -15.82 6.16
CA SER A 245 19.42 -16.40 7.49
C SER A 245 18.15 -17.21 7.75
N ALA A 246 18.25 -18.17 8.67
CA ALA A 246 17.08 -18.95 9.05
C ALA A 246 16.03 -18.10 9.73
N LEU A 247 16.43 -17.03 10.42
CA LEU A 247 15.45 -16.18 11.10
C LEU A 247 14.65 -15.36 10.09
N ALA A 248 15.30 -14.94 9.00
CA ALA A 248 14.57 -14.25 7.94
C ALA A 248 13.48 -15.15 7.35
N LYS A 249 13.82 -16.41 7.06
CA LYS A 249 12.81 -17.36 6.60
C LYS A 249 11.74 -17.59 7.65
N ASP A 250 12.14 -17.71 8.92
CA ASP A 250 11.15 -17.88 9.98
C ASP A 250 10.14 -16.74 9.97
N PHE A 251 10.62 -15.50 9.84
CA PHE A 251 9.75 -14.33 9.80
C PHE A 251 8.74 -14.43 8.67
N ILE A 252 9.21 -14.76 7.46
CA ILE A 252 8.32 -14.90 6.31
C ILE A 252 7.35 -16.06 6.52
N ARG A 253 7.86 -17.18 7.02
CA ARG A 253 7.01 -18.37 7.16
C ARG A 253 5.84 -18.10 8.10
N ARG A 254 6.05 -17.28 9.13
CA ARG A 254 4.99 -16.99 10.10
C ARG A 254 3.99 -15.94 9.61
N LEU A 255 4.33 -15.22 8.54
CA LEU A 255 3.39 -14.35 7.82
C LEU A 255 2.60 -15.06 6.73
N LEU A 256 3.22 -15.97 5.96
CA LEU A 256 2.48 -16.57 4.85
C LEU A 256 1.82 -17.82 5.42
N VAL A 257 0.64 -17.61 5.96
CA VAL A 257 -0.09 -18.62 6.74
C VAL A 257 -1.55 -18.47 6.35
N LYS A 258 -2.17 -19.57 5.92
CA LYS A 258 -3.50 -19.47 5.33
C LYS A 258 -4.50 -18.95 6.35
N ASP A 259 -4.48 -19.49 7.56
CA ASP A 259 -5.43 -19.11 8.59
C ASP A 259 -5.07 -17.73 9.13
N PRO A 260 -5.91 -16.71 8.94
CA PRO A 260 -5.55 -15.37 9.40
C PRO A 260 -5.32 -15.28 10.90
N LYS A 261 -6.00 -16.13 11.68
CA LYS A 261 -5.85 -16.13 13.13
C LYS A 261 -4.48 -16.65 13.55
N LYS A 262 -3.83 -17.47 12.72
CA LYS A 262 -2.52 -18.00 13.05
C LYS A 262 -1.37 -17.16 12.52
N ARG A 263 -1.65 -16.18 11.67
CA ARG A 263 -0.63 -15.32 11.09
C ARG A 263 -0.10 -14.36 12.16
N MET A 264 1.17 -13.94 12.03
CA MET A 264 1.68 -12.93 12.96
C MET A 264 0.90 -11.63 12.78
N THR A 265 0.66 -10.94 13.89
CA THR A 265 0.10 -9.60 13.81
C THR A 265 1.23 -8.59 13.62
N ILE A 266 0.87 -7.32 13.43
CA ILE A 266 1.90 -6.29 13.29
C ILE A 266 2.73 -6.18 14.57
N GLN A 267 2.09 -6.31 15.74
CA GLN A 267 2.85 -6.32 16.98
C GLN A 267 3.80 -7.52 17.05
N ASP A 268 3.32 -8.70 16.69
CA ASP A 268 4.20 -9.87 16.65
C ASP A 268 5.41 -9.60 15.75
N SER A 269 5.16 -9.03 14.57
CA SER A 269 6.25 -8.83 13.62
C SER A 269 7.32 -7.90 14.18
N LEU A 270 6.92 -6.91 14.98
CA LEU A 270 7.89 -5.98 15.56
C LEU A 270 8.72 -6.63 16.67
N GLN A 271 8.17 -7.64 17.35
CA GLN A 271 8.89 -8.34 18.40
C GLN A 271 9.61 -9.58 17.90
N HIS A 272 9.46 -9.93 16.64
CA HIS A 272 10.11 -11.12 16.10
C HIS A 272 11.62 -10.96 16.18
N PRO A 273 12.36 -12.01 16.55
CA PRO A 273 13.81 -11.86 16.78
C PRO A 273 14.60 -11.35 15.58
N TRP A 274 14.11 -11.52 14.35
CA TRP A 274 14.81 -10.95 13.19
C TRP A 274 14.69 -9.43 13.17
N ILE A 275 13.54 -8.90 13.58
CA ILE A 275 13.29 -7.46 13.60
C ILE A 275 13.76 -6.80 14.90
N LYS A 276 13.50 -7.44 16.03
CA LYS A 276 13.66 -6.80 17.32
C LYS A 276 15.13 -6.52 17.60
N PRO A 277 15.50 -5.29 17.99
CA PRO A 277 16.87 -4.90 18.36
C PRO A 277 17.34 -5.55 19.65
#